data_2I4H
#
_entry.id   2I4H
#
_cell.length_a   113.313
_cell.length_b   38.795
_cell.length_c   66.983
_cell.angle_alpha   90.00
_cell.angle_beta   104.94
_cell.angle_gamma   90.00
#
_symmetry.space_group_name_H-M   'C 1 2 1'
#
loop_
_entity.id
_entity.type
_entity.pdbx_description
1 polymer 'Receptor-type tyrosine-protein phosphatase beta'
2 non-polymer 'MAGNESIUM ION'
3 non-polymer 'CHLORIDE ION'
4 non-polymer N-(TERT-BUTOXYCARBONYL)-L-TYROSYL-N-METHYL-4-(SULFOAMINO)-L-PHENYLALANINAMIDE
5 water water
#
_entity_poly.entity_id   1
_entity_poly.type   'polypeptide(L)'
_entity_poly.pdbx_seq_one_letter_code
;SDRPLSVHLNLGQKGNRKTSCPIKINQFEGHFMKLQADSNYLLSKEYEELKDVGRNQSCDIALLPENRGKNRYNNILPYD
ATRVKLSNVDDDPCSDYINASYIPGNNFRREYIVTQGPLPGTKDDFWKMVWEQNVHNIVMVTQCVEKGRVKCDHYWPADQ
DSLYYGDLILQMLSESVLPEWTIREFKICGEEQLDAHRLIRHFHYTVWPDHGVPETTQSLIQFVRTVRDYINRSPGAGPT
VVHCSAGVGRTGTFIALDRILQQLDSKDSVDIYGAVHDLRLHRVHMVQTECQYVYLHQCVRDVLRARKLRSEQ
;
_entity_poly.pdbx_strand_id   A
#
loop_
_chem_comp.id
_chem_comp.type
_chem_comp.name
_chem_comp.formula
CL non-polymer 'CHLORIDE ION' 'Cl -1'
MG non-polymer 'MAGNESIUM ION' 'Mg 2'
UA1 non-polymer N-(TERT-BUTOXYCARBONYL)-L-TYROSYL-N-METHYL-4-(SULFOAMINO)-L-PHENYLALANINAMIDE 'C24 H32 N4 O8 S'
#
# COMPACT_ATOMS: atom_id res chain seq x y z
N LYS A 18 6.88 2.78 22.13
CA LYS A 18 5.98 3.94 21.81
C LYS A 18 5.86 4.49 20.38
N THR A 19 6.90 5.11 19.82
CA THR A 19 6.84 5.48 18.38
C THR A 19 7.76 4.68 17.42
N SER A 20 8.76 4.01 18.00
CA SER A 20 9.65 3.13 17.26
C SER A 20 10.23 2.03 18.19
N CYS A 21 10.69 0.91 17.60
CA CYS A 21 11.28 -0.18 18.37
CA CYS A 21 11.30 -0.18 18.36
C CYS A 21 12.43 -0.81 17.55
N PRO A 22 13.61 -0.14 17.50
CA PRO A 22 14.71 -0.55 16.64
C PRO A 22 15.40 -1.79 17.19
N ILE A 23 15.76 -2.71 16.31
CA ILE A 23 16.38 -3.98 16.73
C ILE A 23 17.65 -4.18 15.94
N LYS A 24 18.77 -4.36 16.64
CA LYS A 24 20.03 -4.64 15.98
C LYS A 24 19.85 -5.92 15.18
N ILE A 25 20.31 -5.90 13.92
CA ILE A 25 20.10 -7.05 13.04
C ILE A 25 20.62 -8.39 13.55
N ASN A 26 21.76 -8.37 14.24
CA ASN A 26 22.27 -9.62 14.79
C ASN A 26 21.53 -10.09 16.06
N GLN A 27 20.63 -9.25 16.57
CA GLN A 27 19.70 -9.64 17.64
C GLN A 27 18.29 -9.95 17.14
N PHE A 28 18.02 -9.64 15.88
CA PHE A 28 16.64 -9.82 15.39
C PHE A 28 16.06 -11.24 15.54
N GLU A 29 16.80 -12.26 15.14
CA GLU A 29 16.31 -13.64 15.31
C GLU A 29 15.74 -13.92 16.72
N GLY A 30 16.53 -13.65 17.74
CA GLY A 30 16.09 -13.84 19.13
C GLY A 30 14.94 -12.96 19.58
N HIS A 31 14.94 -11.69 19.15
CA HIS A 31 13.88 -10.75 19.51
C HIS A 31 12.53 -11.24 18.97
N PHE A 32 12.51 -11.73 17.73
CA PHE A 32 11.29 -12.30 17.15
C PHE A 32 10.83 -13.59 17.86
N MET A 33 11.72 -14.49 18.23
CA MET A 33 11.37 -15.64 19.08
C MET A 33 10.64 -15.20 20.36
N LYS A 34 11.20 -14.23 21.06
CA LYS A 34 10.62 -13.75 22.29
C LYS A 34 9.24 -13.09 22.07
N LEU A 35 9.11 -12.29 21.01
CA LEU A 35 7.80 -11.75 20.62
C LEU A 35 6.73 -12.82 20.39
N GLN A 36 7.15 -13.96 19.83
CA GLN A 36 6.24 -15.07 19.56
C GLN A 36 5.94 -16.05 20.72
N ALA A 37 6.77 -16.04 21.76
CA ALA A 37 6.60 -16.91 22.95
C ALA A 37 5.25 -16.74 23.62
N ASP A 38 4.81 -17.81 24.28
CA ASP A 38 3.56 -17.76 25.04
C ASP A 38 2.47 -17.15 24.14
N SER A 39 2.27 -17.75 22.98
CA SER A 39 1.23 -17.36 22.02
C SER A 39 1.23 -15.90 21.56
N ASN A 40 2.39 -15.43 21.12
CA ASN A 40 2.53 -14.12 20.47
C ASN A 40 2.17 -13.05 21.47
N TYR A 41 2.45 -13.33 22.73
CA TYR A 41 2.03 -12.46 23.80
C TYR A 41 2.62 -11.04 23.65
N LEU A 42 3.95 -10.93 23.59
CA LEU A 42 4.60 -9.65 23.37
C LEU A 42 4.36 -9.06 21.98
N LEU A 43 4.32 -9.92 20.96
CA LEU A 43 3.90 -9.43 19.65
C LEU A 43 2.49 -8.82 19.56
N SER A 44 1.46 -9.49 20.08
CA SER A 44 0.11 -8.90 20.10
C SER A 44 0.03 -7.60 20.91
N LYS A 45 0.79 -7.56 22.01
CA LYS A 45 0.85 -6.39 22.87
C LYS A 45 1.48 -5.20 22.15
N GLU A 46 2.64 -5.40 21.51
CA GLU A 46 3.23 -4.40 20.63
C GLU A 46 2.29 -3.95 19.52
N TYR A 47 1.71 -4.90 18.77
CA TYR A 47 0.72 -4.57 17.73
C TYR A 47 -0.45 -3.67 18.20
N GLU A 48 -1.03 -3.98 19.35
CA GLU A 48 -2.10 -3.23 20.03
C GLU A 48 -1.74 -1.80 20.37
N GLU A 49 -0.48 -1.57 20.74
CA GLU A 49 -0.01 -0.23 21.04
C GLU A 49 -0.17 0.71 19.84
N LEU A 50 -0.30 0.13 18.64
CA LEU A 50 -0.51 0.90 17.39
C LEU A 50 -1.94 1.38 17.18
N LYS A 51 -2.84 0.84 17.99
CA LYS A 51 -4.27 0.99 17.77
C LYS A 51 -4.73 2.41 17.48
N ASP A 52 -4.29 3.36 18.28
CA ASP A 52 -4.89 4.68 18.20
C ASP A 52 -4.01 5.66 17.43
N VAL A 53 -2.89 5.18 16.94
CA VAL A 53 -1.94 6.06 16.25
C VAL A 53 -2.58 6.69 15.02
N GLY A 54 -2.38 8.00 14.90
CA GLY A 54 -2.90 8.77 13.78
C GLY A 54 -4.31 9.33 13.97
N ARG A 55 -5.02 8.72 14.93
CA ARG A 55 -6.47 8.91 15.13
C ARG A 55 -6.91 10.21 15.83
N ASN A 56 -5.93 10.94 16.36
CA ASN A 56 -6.10 12.31 16.81
CA ASN A 56 -6.19 12.30 16.83
C ASN A 56 -6.54 13.30 15.72
N GLN A 57 -6.76 12.83 14.49
CA GLN A 57 -6.90 13.77 13.38
C GLN A 57 -8.30 13.64 12.85
N SER A 58 -8.85 14.74 12.33
CA SER A 58 -10.17 14.79 11.71
C SER A 58 -10.24 14.01 10.38
N CYS A 59 -11.39 13.34 10.19
CA CYS A 59 -11.95 12.78 8.94
C CYS A 59 -13.21 13.55 8.45
N ASP A 60 -13.32 14.85 8.72
CA ASP A 60 -14.57 15.58 8.57
C ASP A 60 -15.09 15.72 7.13
N ILE A 61 -14.17 15.91 6.18
CA ILE A 61 -14.60 15.98 4.77
C ILE A 61 -15.08 14.63 4.23
N ALA A 62 -14.34 13.56 4.54
CA ALA A 62 -14.75 12.19 4.19
C ALA A 62 -16.12 11.80 4.72
N LEU A 63 -16.53 12.47 5.80
CA LEU A 63 -17.79 12.19 6.48
C LEU A 63 -18.96 13.01 5.93
N LEU A 64 -18.71 14.03 5.10
CA LEU A 64 -19.86 14.73 4.50
C LEU A 64 -20.79 13.76 3.77
N PRO A 65 -22.11 13.92 3.96
CA PRO A 65 -23.20 13.22 3.27
C PRO A 65 -23.00 13.01 1.77
N GLU A 66 -22.51 14.06 1.11
CA GLU A 66 -22.28 14.07 -0.31
C GLU A 66 -21.18 13.09 -0.77
N ASN A 67 -20.26 12.75 0.14
CA ASN A 67 -19.10 11.95 -0.22
C ASN A 67 -19.27 10.48 0.12
N ARG A 68 -20.39 10.19 0.76
CA ARG A 68 -20.70 8.87 1.25
C ARG A 68 -20.62 7.81 0.13
N GLY A 69 -21.22 8.10 -1.02
CA GLY A 69 -21.14 7.19 -2.17
C GLY A 69 -19.73 6.98 -2.72
N LYS A 70 -18.80 7.85 -2.36
CA LYS A 70 -17.40 7.79 -2.86
C LYS A 70 -16.45 6.95 -2.00
N ASN A 71 -16.98 6.46 -0.88
CA ASN A 71 -16.23 5.63 0.06
C ASN A 71 -16.69 4.19 -0.04
N ARG A 72 -15.74 3.29 -0.27
CA ARG A 72 -16.10 1.88 -0.42
C ARG A 72 -16.59 1.33 0.92
N TYR A 73 -15.94 1.74 2.00
CA TYR A 73 -16.26 1.23 3.34
C TYR A 73 -16.53 2.46 4.23
N ASN A 74 -17.59 2.40 5.04
CA ASN A 74 -17.87 3.60 5.82
CA ASN A 74 -17.96 3.49 5.96
C ASN A 74 -16.92 3.77 7.02
N ASN A 75 -16.14 2.74 7.38
CA ASN A 75 -15.11 2.91 8.43
C ASN A 75 -13.71 3.28 7.93
N ILE A 76 -13.51 3.38 6.62
CA ILE A 76 -12.16 3.56 6.06
C ILE A 76 -12.11 4.86 5.28
N LEU A 77 -11.66 5.90 5.96
CA LEU A 77 -11.82 7.27 5.50
C LEU A 77 -10.48 7.98 5.65
N PRO A 78 -10.11 8.82 4.65
CA PRO A 78 -8.87 9.55 4.74
C PRO A 78 -8.96 10.71 5.75
N TYR A 79 -7.82 11.04 6.35
CA TYR A 79 -7.70 12.23 7.19
C TYR A 79 -7.76 13.50 6.32
N ASP A 80 -8.51 14.49 6.81
CA ASP A 80 -8.52 15.82 6.21
C ASP A 80 -7.15 16.35 5.84
N ALA A 81 -6.19 16.27 6.76
CA ALA A 81 -4.81 16.78 6.58
C ALA A 81 -3.95 16.06 5.52
N THR A 82 -4.26 14.80 5.20
CA THR A 82 -3.51 14.02 4.19
C THR A 82 -4.29 13.54 2.93
N ARG A 83 -5.54 13.95 2.78
CA ARG A 83 -6.34 13.48 1.67
C ARG A 83 -5.84 14.07 0.34
N VAL A 84 -5.94 13.29 -0.72
CA VAL A 84 -5.68 13.79 -2.07
C VAL A 84 -6.94 14.53 -2.52
N LYS A 85 -6.75 15.74 -3.06
CA LYS A 85 -7.87 16.47 -3.59
C LYS A 85 -7.88 16.44 -5.11
N LEU A 86 -9.04 16.31 -5.71
CA LEU A 86 -9.15 16.49 -7.17
C LEU A 86 -9.19 17.98 -7.45
N SER A 87 -8.59 18.41 -8.56
CA SER A 87 -8.43 19.82 -8.88
C SER A 87 -9.40 20.27 -9.97
N CYS A 94 -19.13 18.59 -2.26
CA CYS A 94 -17.68 18.40 -2.17
C CYS A 94 -17.08 17.63 -3.34
N SER A 95 -17.00 18.32 -4.47
CA SER A 95 -16.49 17.80 -5.74
C SER A 95 -15.00 17.46 -5.83
N ASP A 96 -14.16 17.98 -4.93
CA ASP A 96 -12.74 17.58 -4.86
C ASP A 96 -12.45 16.27 -4.13
N TYR A 97 -13.46 15.53 -3.70
CA TYR A 97 -13.25 14.37 -2.86
C TYR A 97 -12.92 13.05 -3.62
N ILE A 98 -11.84 12.41 -3.16
CA ILE A 98 -11.50 11.00 -3.41
C ILE A 98 -10.97 10.31 -2.14
N ASN A 99 -11.35 9.07 -1.93
CA ASN A 99 -10.83 8.30 -0.80
C ASN A 99 -9.42 7.80 -1.10
N ALA A 100 -8.43 8.59 -0.70
CA ALA A 100 -7.02 8.52 -1.09
C ALA A 100 -6.28 9.44 -0.14
N SER A 101 -5.10 8.99 0.33
CA SER A 101 -4.25 9.66 1.29
C SER A 101 -2.82 9.67 0.74
N TYR A 102 -2.14 10.82 0.90
CA TYR A 102 -0.71 10.91 0.70
C TYR A 102 0.07 10.32 1.86
N ILE A 103 1.14 9.60 1.51
CA ILE A 103 2.12 9.09 2.46
C ILE A 103 3.49 9.74 2.19
N PRO A 104 4.01 10.54 3.16
CA PRO A 104 5.33 11.13 2.91
C PRO A 104 6.36 10.00 2.98
N GLY A 105 7.51 10.23 2.36
CA GLY A 105 8.66 9.35 2.48
C GLY A 105 9.64 9.97 3.45
N ASN A 106 10.72 9.24 3.75
CA ASN A 106 11.82 9.76 4.58
C ASN A 106 12.52 11.02 4.07
N ASN A 107 12.49 11.28 2.77
CA ASN A 107 13.18 12.45 2.22
C ASN A 107 12.39 13.59 1.58
N PHE A 108 11.11 13.33 1.32
CA PHE A 108 10.28 14.32 0.64
C PHE A 108 8.85 13.83 0.73
N ARG A 109 7.92 14.75 0.58
CA ARG A 109 6.50 14.44 0.75
C ARG A 109 6.07 13.53 -0.38
N ARG A 110 4.89 12.97 -0.17
CA ARG A 110 4.11 12.27 -1.18
C ARG A 110 4.90 11.18 -1.88
N GLU A 111 5.54 10.33 -1.09
CA GLU A 111 6.18 9.16 -1.69
C GLU A 111 5.15 8.24 -2.34
N TYR A 112 4.05 8.04 -1.63
CA TYR A 112 2.93 7.21 -2.11
C TYR A 112 1.62 8.01 -2.06
N ILE A 113 0.68 7.61 -2.90
CA ILE A 113 -0.73 7.86 -2.71
C ILE A 113 -1.32 6.48 -2.49
N VAL A 114 -2.04 6.34 -1.38
CA VAL A 114 -2.70 5.09 -0.99
C VAL A 114 -4.20 5.35 -1.21
N THR A 115 -4.95 4.37 -1.75
CA THR A 115 -6.35 4.59 -2.14
C THR A 115 -7.09 3.28 -2.01
N GLN A 116 -8.42 3.36 -1.96
CA GLN A 116 -9.31 2.18 -1.92
C GLN A 116 -9.40 1.66 -3.36
N GLY A 117 -9.85 0.42 -3.55
CA GLY A 117 -10.22 -0.04 -4.89
C GLY A 117 -11.32 0.87 -5.47
N PRO A 118 -11.09 1.44 -6.66
CA PRO A 118 -12.14 2.29 -7.24
C PRO A 118 -13.48 1.56 -7.42
N LEU A 119 -14.55 2.35 -7.35
CA LEU A 119 -15.93 1.93 -7.48
C LEU A 119 -16.44 2.27 -8.90
N PRO A 120 -17.58 1.68 -9.33
CA PRO A 120 -18.08 2.06 -10.68
C PRO A 120 -18.24 3.58 -10.85
N GLY A 121 -18.55 4.30 -9.77
CA GLY A 121 -18.82 5.73 -9.83
C GLY A 121 -17.62 6.55 -9.41
N THR A 122 -16.45 5.90 -9.21
CA THR A 122 -15.26 6.66 -8.87
C THR A 122 -14.08 6.25 -9.74
N LYS A 123 -14.29 5.35 -10.71
CA LYS A 123 -13.18 5.00 -11.58
C LYS A 123 -12.62 6.17 -12.43
N ASP A 124 -13.47 7.12 -12.82
CA ASP A 124 -12.93 8.32 -13.47
C ASP A 124 -12.16 9.22 -12.54
N ASP A 125 -12.56 9.31 -11.26
CA ASP A 125 -11.87 10.14 -10.26
C ASP A 125 -10.47 9.59 -10.02
N PHE A 126 -10.37 8.27 -10.00
CA PHE A 126 -9.09 7.56 -9.87
C PHE A 126 -8.11 7.96 -10.96
N TRP A 127 -8.54 7.84 -12.21
CA TRP A 127 -7.69 8.23 -13.34
C TRP A 127 -7.46 9.73 -13.41
N LYS A 128 -8.49 10.51 -13.11
CA LYS A 128 -8.25 11.96 -12.91
C LYS A 128 -7.11 12.23 -11.92
N MET A 129 -7.18 11.61 -10.75
CA MET A 129 -6.12 11.69 -9.76
C MET A 129 -4.74 11.24 -10.25
N VAL A 130 -4.68 10.05 -10.85
CA VAL A 130 -3.50 9.62 -11.57
C VAL A 130 -2.93 10.70 -12.50
N TRP A 131 -3.77 11.30 -13.33
CA TRP A 131 -3.32 12.31 -14.30
C TRP A 131 -2.80 13.55 -13.55
N GLU A 132 -3.61 14.05 -12.61
CA GLU A 132 -3.38 15.35 -11.97
C GLU A 132 -2.12 15.25 -11.13
N GLN A 133 -1.89 14.08 -10.55
CA GLN A 133 -0.81 13.94 -9.58
C GLN A 133 0.46 13.43 -10.24
N ASN A 134 0.44 13.27 -11.57
CA ASN A 134 1.62 12.78 -12.28
C ASN A 134 2.08 11.38 -11.90
N VAL A 135 1.13 10.49 -11.62
CA VAL A 135 1.43 9.10 -11.30
C VAL A 135 1.91 8.35 -12.55
N HIS A 136 2.99 7.58 -12.44
CA HIS A 136 3.39 6.71 -13.54
C HIS A 136 3.46 5.25 -13.12
N ASN A 137 3.43 5.00 -11.82
CA ASN A 137 3.37 3.63 -11.29
C ASN A 137 2.18 3.35 -10.34
N ILE A 138 1.42 2.29 -10.64
CA ILE A 138 0.34 1.80 -9.78
C ILE A 138 0.59 0.38 -9.29
N VAL A 139 0.52 0.18 -7.98
CA VAL A 139 0.56 -1.19 -7.48
C VAL A 139 -0.85 -1.57 -7.03
N MET A 140 -1.30 -2.76 -7.41
CA MET A 140 -2.63 -3.22 -6.95
C MET A 140 -2.42 -4.58 -6.25
N VAL A 141 -2.80 -4.64 -4.97
CA VAL A 141 -2.59 -5.87 -4.21
C VAL A 141 -3.91 -6.49 -3.75
N THR A 142 -4.92 -6.42 -4.62
CA THR A 142 -6.23 -7.01 -4.34
C THR A 142 -6.65 -7.64 -5.65
N GLN A 143 -7.58 -8.58 -5.55
CA GLN A 143 -8.32 -9.06 -6.70
C GLN A 143 -9.67 -8.31 -6.71
N CYS A 144 -10.34 -8.25 -7.85
CA CYS A 144 -11.62 -7.54 -8.04
C CYS A 144 -12.75 -8.27 -7.36
N VAL A 145 -12.71 -9.59 -7.39
CA VAL A 145 -13.75 -10.34 -6.68
C VAL A 145 -13.04 -11.29 -5.70
N GLU A 146 -13.49 -11.35 -4.46
CA GLU A 146 -12.87 -12.23 -3.50
C GLU A 146 -13.99 -12.81 -2.65
N LYS A 147 -14.01 -14.14 -2.57
CA LYS A 147 -14.97 -14.84 -1.73
C LYS A 147 -16.39 -14.39 -2.01
N GLY A 148 -16.76 -14.32 -3.29
CA GLY A 148 -18.12 -14.01 -3.70
C GLY A 148 -18.55 -12.57 -3.51
N ARG A 149 -17.60 -11.67 -3.22
CA ARG A 149 -17.89 -10.24 -3.06
C ARG A 149 -16.98 -9.39 -3.96
N VAL A 150 -17.56 -8.33 -4.53
CA VAL A 150 -16.79 -7.38 -5.32
C VAL A 150 -15.90 -6.54 -4.37
N LYS A 151 -14.60 -6.53 -4.65
CA LYS A 151 -13.59 -5.87 -3.80
C LYS A 151 -13.03 -4.65 -4.49
N CYS A 152 -13.17 -4.61 -5.81
CA CYS A 152 -12.52 -3.55 -6.61
C CYS A 152 -13.10 -3.58 -8.02
N ASP A 153 -13.40 -2.42 -8.60
CA ASP A 153 -13.86 -2.42 -9.98
C ASP A 153 -12.68 -2.76 -10.87
N HIS A 154 -12.91 -3.49 -11.96
CA HIS A 154 -11.93 -3.58 -13.03
C HIS A 154 -11.90 -2.26 -13.80
N TYR A 155 -11.13 -1.32 -13.26
CA TYR A 155 -11.16 0.10 -13.61
C TYR A 155 -10.23 0.41 -14.80
N TRP A 156 -9.56 -0.60 -15.34
CA TRP A 156 -8.72 -0.40 -16.52
C TRP A 156 -9.32 -1.16 -17.72
N PRO A 157 -8.87 -0.87 -18.95
CA PRO A 157 -9.36 -1.53 -20.16
C PRO A 157 -9.16 -3.06 -20.21
N ALA A 158 -10.21 -3.79 -20.58
CA ALA A 158 -10.17 -5.26 -20.62
C ALA A 158 -9.47 -5.79 -21.86
N ASP A 159 -9.07 -4.88 -22.76
CA ASP A 159 -8.43 -5.24 -24.00
C ASP A 159 -7.77 -3.99 -24.56
N GLN A 160 -7.46 -4.01 -25.85
CA GLN A 160 -6.47 -3.09 -26.39
C GLN A 160 -7.09 -1.85 -27.02
N ASP A 161 -8.41 -1.86 -27.16
CA ASP A 161 -9.10 -0.65 -27.60
C ASP A 161 -9.19 0.47 -26.57
N SER A 162 -8.84 1.65 -27.05
CA SER A 162 -8.87 2.80 -26.20
C SER A 162 -10.31 3.08 -25.75
N LEU A 163 -10.41 3.73 -24.59
CA LEU A 163 -11.65 3.81 -23.83
C LEU A 163 -11.59 5.14 -23.07
N TYR A 164 -12.73 5.84 -23.00
CA TYR A 164 -12.83 7.08 -22.24
C TYR A 164 -13.18 6.76 -20.79
N TYR A 165 -12.49 7.42 -19.86
CA TYR A 165 -12.89 7.49 -18.47
C TYR A 165 -13.20 8.95 -18.21
N GLY A 166 -14.48 9.29 -18.39
CA GLY A 166 -14.87 10.69 -18.39
C GLY A 166 -14.13 11.39 -19.51
N ASP A 167 -13.15 12.21 -19.13
CA ASP A 167 -12.41 13.22 -19.91
C ASP A 167 -11.13 12.56 -20.48
N LEU A 168 -10.66 11.50 -19.86
CA LEU A 168 -9.33 10.95 -20.16
C LEU A 168 -9.50 9.71 -21.01
N ILE A 169 -8.58 9.48 -21.97
CA ILE A 169 -8.54 8.23 -22.74
C ILE A 169 -7.43 7.33 -22.20
N LEU A 170 -7.81 6.08 -21.88
CA LEU A 170 -6.88 5.02 -21.51
C LEU A 170 -6.76 4.00 -22.62
N GLN A 171 -5.54 3.54 -22.86
CA GLN A 171 -5.34 2.46 -23.81
C GLN A 171 -4.25 1.48 -23.35
N MET A 172 -4.58 0.20 -23.27
CA MET A 172 -3.59 -0.80 -22.86
C MET A 172 -2.60 -1.18 -23.96
N LEU A 173 -1.32 -0.89 -23.74
CA LEU A 173 -0.28 -1.14 -24.73
C LEU A 173 0.30 -2.54 -24.58
N SER A 174 0.31 -3.07 -23.36
CA SER A 174 0.80 -4.43 -23.15
C SER A 174 0.25 -4.95 -21.83
N GLU A 175 0.18 -6.27 -21.77
CA GLU A 175 -0.24 -6.98 -20.59
C GLU A 175 0.65 -8.19 -20.41
N SER A 176 1.44 -8.23 -19.34
CA SER A 176 2.39 -9.32 -19.20
C SER A 176 2.09 -10.13 -17.95
N VAL A 177 1.52 -11.31 -18.14
CA VAL A 177 1.14 -12.14 -17.02
C VAL A 177 2.35 -12.95 -16.56
N LEU A 178 2.75 -12.75 -15.31
CA LEU A 178 3.85 -13.51 -14.73
C LEU A 178 3.30 -14.50 -13.70
N PRO A 179 4.15 -15.40 -13.16
CA PRO A 179 3.52 -16.33 -12.25
C PRO A 179 2.71 -15.73 -11.10
N GLU A 180 3.15 -14.64 -10.49
CA GLU A 180 2.46 -14.16 -9.30
C GLU A 180 1.96 -12.72 -9.36
N TRP A 181 2.18 -12.08 -10.50
CA TRP A 181 1.77 -10.71 -10.71
C TRP A 181 1.73 -10.50 -12.19
N THR A 182 0.90 -9.54 -12.58
CA THR A 182 0.74 -9.16 -13.96
C THR A 182 1.17 -7.71 -14.07
N ILE A 183 1.95 -7.41 -15.10
CA ILE A 183 2.38 -6.05 -15.42
C ILE A 183 1.70 -5.51 -16.68
N ARG A 184 0.97 -4.42 -16.53
CA ARG A 184 0.33 -3.76 -17.64
C ARG A 184 0.92 -2.37 -17.89
N GLU A 185 0.94 -1.96 -19.16
CA GLU A 185 1.30 -0.60 -19.47
C GLU A 185 0.18 0.10 -20.26
N PHE A 186 -0.19 1.33 -19.87
CA PHE A 186 -1.31 2.05 -20.49
C PHE A 186 -0.72 3.35 -20.95
N LYS A 187 -1.19 3.83 -22.11
CA LYS A 187 -1.16 5.26 -22.48
C LYS A 187 -2.42 5.97 -21.95
N ILE A 188 -2.24 7.17 -21.40
CA ILE A 188 -3.34 8.09 -21.09
C ILE A 188 -3.04 9.40 -21.79
N CYS A 189 -4.12 10.11 -22.15
CA CYS A 189 -3.99 11.50 -22.54
C CYS A 189 -5.34 12.19 -22.44
N HIS A 197 0.30 13.41 -23.35
CA HIS A 197 0.20 11.95 -23.31
C HIS A 197 1.32 11.19 -22.59
N ARG A 198 0.93 10.26 -21.72
CA ARG A 198 1.82 9.68 -20.72
CA ARG A 198 1.86 9.67 -20.79
C ARG A 198 1.65 8.17 -20.67
N LEU A 199 2.66 7.50 -20.11
CA LEU A 199 2.68 6.05 -19.91
C LEU A 199 2.61 5.69 -18.41
N ILE A 200 1.78 4.71 -18.08
CA ILE A 200 1.59 4.24 -16.70
C ILE A 200 1.90 2.74 -16.59
N ARG A 201 2.66 2.34 -15.59
CA ARG A 201 2.88 0.92 -15.38
C ARG A 201 2.03 0.45 -14.18
N HIS A 202 1.42 -0.72 -14.31
CA HIS A 202 0.44 -1.21 -13.37
C HIS A 202 0.90 -2.60 -12.93
N PHE A 203 1.13 -2.74 -11.63
CA PHE A 203 1.69 -3.99 -11.05
C PHE A 203 0.57 -4.67 -10.24
N HIS A 204 -0.05 -5.72 -10.78
CA HIS A 204 -1.17 -6.37 -10.11
C HIS A 204 -0.72 -7.69 -9.48
N TYR A 205 -0.62 -7.70 -8.16
CA TYR A 205 -0.19 -8.88 -7.44
C TYR A 205 -1.41 -9.74 -7.19
N THR A 206 -1.39 -10.99 -7.67
CA THR A 206 -2.67 -11.68 -7.84
C THR A 206 -3.00 -12.69 -6.73
N VAL A 207 -2.06 -13.00 -5.83
CA VAL A 207 -2.33 -13.91 -4.73
C VAL A 207 -2.18 -13.45 -3.28
N TRP A 208 -3.04 -12.53 -2.87
CA TRP A 208 -2.99 -12.04 -1.53
C TRP A 208 -4.41 -12.04 -0.98
N PRO A 209 -4.74 -13.04 -0.16
CA PRO A 209 -6.08 -13.11 0.46
C PRO A 209 -6.38 -11.90 1.37
N ASP A 210 -7.58 -11.35 1.26
CA ASP A 210 -7.96 -10.21 2.10
C ASP A 210 -7.80 -10.56 3.59
N HIS A 211 -7.30 -9.64 4.40
CA HIS A 211 -7.09 -9.82 5.85
C HIS A 211 -5.99 -10.81 6.22
N GLY A 212 -5.39 -11.40 5.20
CA GLY A 212 -4.29 -12.31 5.41
C GLY A 212 -3.00 -11.90 4.71
N VAL A 213 -2.23 -12.90 4.30
CA VAL A 213 -0.83 -12.67 3.93
C VAL A 213 -0.49 -13.51 2.72
N PRO A 214 0.55 -13.13 1.94
CA PRO A 214 0.94 -13.99 0.85
C PRO A 214 1.46 -15.33 1.36
N GLU A 215 1.50 -16.27 0.41
CA GLU A 215 1.74 -17.67 0.73
C GLU A 215 3.18 -17.91 1.21
N THR A 216 4.09 -17.06 0.73
CA THR A 216 5.45 -17.11 1.21
C THR A 216 5.97 -15.71 1.49
N THR A 217 7.00 -15.63 2.34
CA THR A 217 7.78 -14.37 2.40
C THR A 217 8.51 -14.04 1.12
N GLN A 218 9.21 -15.01 0.54
CA GLN A 218 9.93 -14.82 -0.72
C GLN A 218 9.19 -14.05 -1.79
N SER A 219 7.93 -14.44 -2.01
CA SER A 219 7.13 -13.87 -3.09
C SER A 219 6.93 -12.37 -2.99
N LEU A 220 6.50 -11.93 -1.80
CA LEU A 220 6.24 -10.52 -1.60
C LEU A 220 7.54 -9.74 -1.46
N ILE A 221 8.57 -10.33 -0.86
CA ILE A 221 9.86 -9.66 -0.90
C ILE A 221 10.30 -9.39 -2.35
N GLN A 222 10.06 -10.37 -3.24
CA GLN A 222 10.49 -10.25 -4.61
C GLN A 222 9.67 -9.23 -5.43
N PHE A 223 8.36 -9.20 -5.23
CA PHE A 223 7.49 -8.21 -5.85
C PHE A 223 7.87 -6.81 -5.38
N VAL A 224 8.01 -6.66 -4.06
CA VAL A 224 8.37 -5.34 -3.51
C VAL A 224 9.70 -4.87 -4.14
N ARG A 225 10.71 -5.73 -4.15
CA ARG A 225 12.01 -5.38 -4.77
C ARG A 225 11.86 -5.05 -6.25
N THR A 226 10.97 -5.77 -6.92
CA THR A 226 10.73 -5.58 -8.33
C THR A 226 10.15 -4.19 -8.58
N VAL A 227 9.11 -3.82 -7.82
CA VAL A 227 8.47 -2.52 -7.99
C VAL A 227 9.45 -1.36 -7.71
N ARG A 228 10.22 -1.51 -6.63
CA ARG A 228 11.16 -0.52 -6.15
C ARG A 228 12.18 -0.29 -7.25
N ASP A 229 12.55 -1.35 -7.96
CA ASP A 229 13.49 -1.22 -9.07
C ASP A 229 12.98 -0.43 -10.27
N TYR A 230 11.76 -0.74 -10.68
CA TYR A 230 11.03 0.07 -11.64
C TYR A 230 10.90 1.53 -11.18
N ILE A 231 10.46 1.74 -9.94
CA ILE A 231 10.35 3.12 -9.43
C ILE A 231 11.68 3.85 -9.57
N ASN A 232 12.74 3.27 -9.01
CA ASN A 232 14.07 3.86 -9.04
C ASN A 232 14.68 4.12 -10.43
N ARG A 233 14.04 3.65 -11.49
CA ARG A 233 14.41 3.93 -12.88
C ARG A 233 13.42 4.84 -13.61
N SER A 234 12.48 5.43 -12.88
CA SER A 234 11.29 6.06 -13.44
C SER A 234 11.50 7.53 -13.09
N PRO A 235 12.30 8.26 -13.88
CA PRO A 235 12.85 9.46 -13.25
C PRO A 235 11.74 10.52 -13.31
N GLY A 236 11.46 11.16 -12.17
CA GLY A 236 10.50 12.25 -12.18
C GLY A 236 9.05 11.87 -12.38
N ALA A 237 8.65 10.67 -11.95
CA ALA A 237 7.26 10.42 -11.53
C ALA A 237 6.81 11.20 -10.29
N GLY A 238 5.51 11.48 -10.32
CA GLY A 238 4.70 11.62 -9.14
C GLY A 238 4.85 10.51 -8.11
N PRO A 239 4.01 10.59 -7.08
CA PRO A 239 3.87 9.49 -6.13
C PRO A 239 3.51 8.15 -6.78
N THR A 240 3.89 7.09 -6.09
CA THR A 240 3.53 5.74 -6.48
C THR A 240 2.15 5.51 -5.87
N VAL A 241 1.18 5.08 -6.69
CA VAL A 241 -0.12 4.62 -6.16
C VAL A 241 -0.08 3.15 -5.69
N VAL A 242 -0.58 2.90 -4.48
CA VAL A 242 -0.79 1.56 -3.99
C VAL A 242 -2.25 1.43 -3.55
N HIS A 243 -2.93 0.37 -4.00
CA HIS A 243 -4.25 0.15 -3.46
C HIS A 243 -4.54 -1.34 -3.36
N CYS A 244 -5.47 -1.70 -2.48
CA CYS A 244 -6.06 -3.04 -2.45
C CYS A 244 -7.57 -2.80 -2.49
N SER A 245 -8.32 -3.28 -1.50
CA SER A 245 -9.78 -3.05 -1.49
C SER A 245 -10.14 -1.83 -0.64
N ALA A 246 -9.79 -1.87 0.64
CA ALA A 246 -9.97 -0.69 1.45
C ALA A 246 -8.76 0.25 1.39
N GLY A 247 -7.62 -0.25 0.91
CA GLY A 247 -6.41 0.56 0.88
C GLY A 247 -5.72 0.72 2.24
N VAL A 248 -5.76 -0.32 3.07
CA VAL A 248 -5.13 -0.17 4.38
C VAL A 248 -4.31 -1.40 4.74
N GLY A 249 -4.90 -2.59 4.64
CA GLY A 249 -4.27 -3.83 5.12
C GLY A 249 -3.13 -4.32 4.22
N ARG A 250 -3.51 -4.75 3.03
CA ARG A 250 -2.54 -5.24 2.05
C ARG A 250 -1.72 -4.07 1.51
N THR A 251 -2.37 -2.93 1.26
CA THR A 251 -1.61 -1.74 0.89
C THR A 251 -0.58 -1.34 1.97
N GLY A 252 -1.02 -1.30 3.22
CA GLY A 252 -0.14 -0.96 4.32
C GLY A 252 1.02 -1.94 4.45
N THR A 253 0.75 -3.25 4.29
CA THR A 253 1.80 -4.26 4.46
C THR A 253 2.85 -4.17 3.33
N PHE A 254 2.36 -3.94 2.12
CA PHE A 254 3.20 -3.72 0.94
C PHE A 254 4.17 -2.57 1.16
N ILE A 255 3.63 -1.42 1.54
CA ILE A 255 4.45 -0.25 1.72
C ILE A 255 5.33 -0.39 2.97
N ALA A 256 4.83 -0.95 4.07
CA ALA A 256 5.75 -1.23 5.19
C ALA A 256 6.93 -2.12 4.76
N LEU A 257 6.68 -3.12 3.91
CA LEU A 257 7.76 -4.04 3.53
C LEU A 257 8.76 -3.33 2.64
N ASP A 258 8.25 -2.52 1.73
CA ASP A 258 9.12 -1.60 1.01
C ASP A 258 10.10 -0.81 1.89
N ARG A 259 9.56 -0.09 2.89
CA ARG A 259 10.37 0.70 3.78
C ARG A 259 11.35 -0.18 4.57
N ILE A 260 10.86 -1.28 5.12
CA ILE A 260 11.72 -2.17 5.91
C ILE A 260 12.86 -2.79 5.06
N LEU A 261 12.60 -3.23 3.84
CA LEU A 261 13.65 -3.80 2.99
C LEU A 261 14.74 -2.79 2.67
N GLN A 262 14.36 -1.53 2.50
CA GLN A 262 15.32 -0.43 2.27
C GLN A 262 16.15 -0.13 3.53
N GLN A 263 15.52 -0.12 4.71
CA GLN A 263 16.24 -0.09 5.99
C GLN A 263 17.32 -1.17 6.12
N LEU A 264 16.99 -2.40 5.72
CA LEU A 264 17.93 -3.51 5.77
C LEU A 264 19.10 -3.35 4.81
N ASP A 265 18.95 -2.55 3.76
CA ASP A 265 20.06 -2.29 2.84
C ASP A 265 20.87 -1.06 3.26
N SER A 266 20.40 -0.34 4.28
CA SER A 266 21.01 0.93 4.72
C SER A 266 21.56 0.91 6.15
N LYS A 267 20.90 0.17 7.05
CA LYS A 267 21.25 0.30 8.46
C LYS A 267 21.57 -1.05 9.11
N ASP A 268 22.18 -1.04 10.28
CA ASP A 268 22.39 -2.32 10.98
C ASP A 268 21.36 -2.53 12.10
N SER A 269 20.24 -1.83 11.99
CA SER A 269 19.09 -2.03 12.85
CA SER A 269 19.09 -1.98 12.85
C SER A 269 17.84 -1.94 11.98
N VAL A 270 16.80 -2.65 12.41
CA VAL A 270 15.55 -2.70 11.67
C VAL A 270 14.40 -2.32 12.62
N ASP A 271 13.46 -1.55 12.10
CA ASP A 271 12.44 -0.95 12.94
C ASP A 271 11.07 -1.12 12.27
N ILE A 272 10.56 -2.36 12.33
CA ILE A 272 9.22 -2.72 11.87
C ILE A 272 8.10 -1.94 12.52
N TYR A 273 8.16 -1.81 13.86
CA TYR A 273 7.21 -1.04 14.62
C TYR A 273 7.12 0.40 14.16
N GLY A 274 8.28 1.06 14.07
CA GLY A 274 8.36 2.43 13.54
C GLY A 274 7.90 2.62 12.11
N ALA A 275 8.20 1.68 11.20
CA ALA A 275 7.59 1.70 9.86
C ALA A 275 6.04 1.65 9.84
N VAL A 276 5.45 0.69 10.55
CA VAL A 276 3.99 0.66 10.67
C VAL A 276 3.39 1.88 11.35
N HIS A 277 4.04 2.31 12.42
CA HIS A 277 3.68 3.57 13.09
C HIS A 277 3.63 4.78 12.17
N ASP A 278 4.66 4.96 11.33
CA ASP A 278 4.71 6.01 10.32
CA ASP A 278 4.64 6.08 10.39
C ASP A 278 3.52 6.00 9.37
N LEU A 279 3.18 4.80 8.93
CA LEU A 279 2.01 4.64 8.07
C LEU A 279 0.67 5.01 8.71
N ARG A 280 0.44 4.52 9.93
CA ARG A 280 -0.75 4.87 10.71
C ARG A 280 -0.96 6.36 10.93
N LEU A 281 0.14 7.08 11.08
CA LEU A 281 0.07 8.54 11.30
C LEU A 281 -0.69 9.22 10.15
N HIS A 282 -0.72 8.55 9.00
CA HIS A 282 -1.29 9.08 7.74
C HIS A 282 -2.57 8.45 7.19
N ARG A 283 -2.91 7.22 7.58
CA ARG A 283 -4.16 6.55 7.23
C ARG A 283 -4.48 5.49 8.31
N VAL A 284 -5.76 5.42 8.67
CA VAL A 284 -6.33 4.40 9.53
C VAL A 284 -5.90 2.96 9.09
N HIS A 285 -5.66 2.07 10.06
CA HIS A 285 -5.54 0.62 9.80
C HIS A 285 -4.43 0.05 8.92
N MET A 286 -3.42 0.84 8.60
CA MET A 286 -2.34 0.34 7.74
C MET A 286 -1.63 -0.84 8.39
N VAL A 287 -1.56 -2.00 7.72
CA VAL A 287 -1.18 -3.26 8.37
C VAL A 287 -2.35 -3.60 9.29
N GLN A 288 -3.34 -4.27 8.70
CA GLN A 288 -4.71 -4.14 9.21
C GLN A 288 -5.03 -5.28 10.17
N THR A 289 -4.26 -6.37 10.09
CA THR A 289 -4.42 -7.48 11.04
C THR A 289 -3.08 -7.89 11.64
N GLU A 290 -3.16 -8.61 12.75
CA GLU A 290 -1.94 -8.96 13.46
C GLU A 290 -1.10 -9.91 12.60
N CYS A 291 -1.76 -10.80 11.87
CA CYS A 291 -1.01 -11.77 11.09
C CYS A 291 -0.17 -11.07 10.02
N GLN A 292 -0.54 -9.86 9.63
CA GLN A 292 0.20 -9.15 8.58
C GLN A 292 1.43 -8.55 9.24
N TYR A 293 1.26 -8.09 10.47
CA TYR A 293 2.37 -7.73 11.34
C TYR A 293 3.41 -8.81 11.64
N VAL A 294 2.94 -10.00 11.99
CA VAL A 294 3.79 -11.19 12.08
C VAL A 294 4.51 -11.50 10.77
N TYR A 295 3.77 -11.40 9.66
CA TYR A 295 4.36 -11.58 8.32
C TYR A 295 5.51 -10.65 8.01
N LEU A 296 5.40 -9.38 8.37
CA LEU A 296 6.55 -8.48 8.19
C LEU A 296 7.79 -8.93 8.96
N HIS A 297 7.59 -9.42 10.18
CA HIS A 297 8.68 -9.93 11.01
C HIS A 297 9.28 -11.19 10.40
N GLN A 298 8.43 -12.03 9.80
CA GLN A 298 8.89 -13.27 9.18
C GLN A 298 9.66 -12.91 7.92
N CYS A 299 9.20 -11.91 7.17
CA CYS A 299 10.00 -11.41 6.04
C CYS A 299 11.41 -10.99 6.48
N VAL A 300 11.51 -10.10 7.48
CA VAL A 300 12.80 -9.70 8.03
C VAL A 300 13.67 -10.88 8.50
N ARG A 301 13.04 -11.79 9.23
CA ARG A 301 13.70 -12.95 9.78
C ARG A 301 14.31 -13.70 8.60
N ASP A 302 13.57 -13.85 7.52
CA ASP A 302 14.06 -14.67 6.42
C ASP A 302 15.21 -13.98 5.67
N VAL A 303 15.10 -12.68 5.43
CA VAL A 303 16.20 -11.92 4.80
C VAL A 303 17.50 -12.07 5.60
N LEU A 304 17.41 -11.83 6.91
CA LEU A 304 18.58 -11.83 7.79
C LEU A 304 19.23 -13.20 7.97
N ARG A 305 18.42 -14.27 7.99
CA ARG A 305 18.91 -15.66 7.94
C ARG A 305 19.77 -15.92 6.72
N ALA A 306 19.24 -15.62 5.55
CA ALA A 306 20.01 -15.77 4.33
C ALA A 306 21.36 -15.03 4.37
N ARG A 307 21.36 -13.73 4.70
CA ARG A 307 22.60 -12.92 4.74
C ARG A 307 23.71 -13.37 5.72
N LYS A 308 23.20 -13.92 6.83
CA LYS A 308 24.00 -14.47 7.92
C LYS A 308 25.29 -15.19 7.54
N LEU A 309 25.17 -16.09 6.58
CA LEU A 309 26.29 -16.93 6.17
C LEU A 309 26.80 -16.50 4.81
N ARG A 310 26.29 -15.35 4.36
CA ARG A 310 26.87 -14.69 3.22
C ARG A 310 27.75 -13.51 3.60
MG MG B . -17.78 6.75 -18.26
CL CL C . 21.02 -11.77 -3.93
O50 UA1 D . -18.38 -0.59 4.91
C49 UA1 D . -19.09 -1.53 5.19
O51 UA1 D . -20.32 -1.80 4.47
C52 UA1 D . -20.77 -1.11 3.30
C55 UA1 D . -22.17 -1.65 2.95
C54 UA1 D . -20.82 0.38 3.63
C53 UA1 D . -19.83 -1.48 2.17
N32 UA1 D . -18.78 -2.35 6.18
C31 UA1 D . -17.61 -2.24 7.02
C34 UA1 D . -18.21 -2.50 8.40
C37 UA1 D . -17.24 -2.57 9.55
C39 UA1 D . -17.10 -1.49 10.42
C42 UA1 D . -16.20 -1.59 11.47
C38 UA1 D . -15.44 -2.76 11.68
O47 UA1 D . -14.58 -2.85 12.71
C41 UA1 D . -15.59 -3.83 10.81
C40 UA1 D . -16.49 -3.72 9.76
C28 UA1 D . -16.50 -3.17 6.65
O30 UA1 D . -16.72 -4.31 6.25
N19 UA1 D . -15.26 -2.68 6.82
C11 UA1 D . -14.07 -3.45 6.54
C20 UA1 D . -13.37 -3.82 7.80
N22 UA1 D . -13.14 -5.13 7.96
C23 UA1 D . -12.48 -5.87 9.04
O21 UA1 D . -13.01 -2.91 8.53
C66 UA1 D . -13.15 -2.51 5.76
C7 UA1 D . -11.98 -3.24 5.15
C4 UA1 D . -10.73 -3.02 5.72
C2 UA1 D . -9.63 -3.67 5.19
C3 UA1 D . -12.12 -4.10 4.07
C6 UA1 D . -10.99 -4.74 3.56
C5 UA1 D . -9.72 -4.53 4.10
N9 UA1 D . -8.58 -5.14 3.64
S14 UA1 D . -7.62 -4.41 2.56
O15 UA1 D . -8.33 -4.23 1.28
O16 UA1 D . -6.42 -5.28 2.36
O17 UA1 D . -7.28 -3.13 3.17
#